data_8Q9U
#
_entry.id   8Q9U
#
_cell.length_a   95.947
_cell.length_b   95.947
_cell.length_c   147.818
_cell.angle_alpha   90.00
_cell.angle_beta   90.00
_cell.angle_gamma   120.00
#
_symmetry.space_group_name_H-M   'P 32 1 2'
#
loop_
_entity.id
_entity.type
_entity.pdbx_description
1 polymer 'urocanate hydratase'
2 non-polymer NICOTINAMIDE-ADENINE-DINUCLEOTIDE
3 water water
#
_entity_poly.entity_id   1
_entity_poly.type   'polypeptide(L)'
_entity_poly.pdbx_seq_one_letter_code
;MQAEKTPRNIKAARGTTLRCKGWQQETILRLLENNIENGERPEDLVIYMNAAKAARDWDCFDAIVRTLKTMEADETLVVQ
SGKPVGLFRTHAFAPRVLLANGNVAGRWAGDANMFELEKRGLTILPGMTAACWQYIGSQGIVQGTYQSFVSAAEQYFGGS
LAGRIILTAGAGGMGGAQPLAGKMAGAATLVVDVDPVSLERRLNTGYLDVIATSVDDALARIRTLAAEREGGSVGIVGNA
ADVFEALHRKELRPDIVTDQCMVDPYRGYVPSGLSPAEAAQLVRTDPEQALALAAATLARHARAMLRFRDDGAVVFEYGN
TLRARSVAAGVPEAGELPSFVTLFIRPLFCRGIGPFRWIAASGDPKDIAAIDGIIESTFAEGHMIRQWIPMARKYIQFQG
LPARIGWLGHGERSKLALLVNEAVADGRISAPIAFTRDHLDAGSVASPYAETEKMQDGSDAVSDWPLLNAMLACSNGASL
VALHSNGDKSASAGQTAIADGTPMAAFKLKSVLDADTGIGVIRYADAGYEVARETRALHGLGIEIGGGE
;
_entity_poly.pdbx_strand_id   A
#
# COMPACT_ATOMS: atom_id res chain seq x y z
N PRO A 7 -18.95 15.55 -14.11
CA PRO A 7 -18.78 14.82 -12.86
C PRO A 7 -19.44 13.45 -12.87
N ARG A 8 -18.65 12.41 -13.11
CA ARG A 8 -19.14 11.04 -12.92
C ARG A 8 -19.50 10.79 -11.45
N ASN A 9 -18.58 11.14 -10.56
CA ASN A 9 -18.74 10.97 -9.11
C ASN A 9 -19.20 9.55 -8.77
N ILE A 10 -18.29 8.60 -9.02
CA ILE A 10 -18.56 7.22 -8.65
C ILE A 10 -18.57 7.09 -7.13
N LYS A 11 -19.51 6.30 -6.63
CA LYS A 11 -19.66 6.02 -5.20
C LYS A 11 -20.10 4.57 -5.06
N ALA A 12 -19.54 3.87 -4.09
CA ALA A 12 -19.93 2.48 -3.89
C ALA A 12 -21.37 2.39 -3.38
N ALA A 13 -22.12 1.41 -3.86
CA ALA A 13 -23.49 1.22 -3.43
C ALA A 13 -23.54 0.78 -1.96
N ARG A 14 -24.47 1.38 -1.22
CA ARG A 14 -24.70 1.05 0.19
C ARG A 14 -25.92 0.16 0.35
N GLY A 15 -25.94 -0.61 1.43
CA GLY A 15 -27.09 -1.44 1.74
C GLY A 15 -26.93 -2.89 1.31
N THR A 16 -28.05 -3.61 1.34
CA THR A 16 -28.07 -5.06 1.09
C THR A 16 -28.96 -5.45 -0.08
N THR A 17 -29.05 -4.62 -1.11
CA THR A 17 -29.87 -4.92 -2.28
C THR A 17 -28.95 -5.21 -3.46
N LEU A 18 -29.07 -6.40 -4.03
CA LEU A 18 -28.23 -6.78 -5.16
C LEU A 18 -28.54 -5.94 -6.39
N ARG A 19 -27.49 -5.48 -7.07
CA ARG A 19 -27.60 -5.10 -8.47
C ARG A 19 -27.10 -6.19 -9.39
N CYS A 20 -26.25 -7.09 -8.89
CA CYS A 20 -25.71 -8.20 -9.63
C CYS A 20 -26.52 -9.47 -9.35
N LYS A 21 -26.26 -10.49 -10.16
CA LYS A 21 -26.93 -11.79 -10.05
C LYS A 21 -26.51 -12.58 -8.82
N GLY A 22 -25.59 -12.09 -8.02
CA GLY A 22 -25.10 -12.85 -6.89
C GLY A 22 -24.09 -12.03 -6.13
N TRP A 23 -23.90 -12.42 -4.87
CA TRP A 23 -23.17 -11.54 -3.96
C TRP A 23 -21.66 -11.55 -4.21
N GLN A 24 -21.11 -12.60 -4.84
CA GLN A 24 -19.72 -12.53 -5.28
C GLN A 24 -19.53 -11.34 -6.22
N GLN A 25 -20.38 -11.23 -7.24
CA GLN A 25 -20.24 -10.16 -8.22
C GLN A 25 -20.45 -8.79 -7.60
N GLU A 26 -21.49 -8.65 -6.77
CA GLU A 26 -21.82 -7.33 -6.23
C GLU A 26 -20.72 -6.81 -5.33
N THR A 27 -20.09 -7.70 -4.55
CA THR A 27 -18.98 -7.27 -3.69
C THR A 27 -17.84 -6.70 -4.53
N ILE A 28 -17.46 -7.40 -5.60
CA ILE A 28 -16.37 -6.91 -6.46
C ILE A 28 -16.76 -5.57 -7.09
N LEU A 29 -18.01 -5.46 -7.56
CA LEU A 29 -18.44 -4.19 -8.14
C LEU A 29 -18.33 -3.07 -7.11
N ARG A 30 -18.83 -3.29 -5.90
CA ARG A 30 -18.68 -2.29 -4.85
C ARG A 30 -17.22 -2.01 -4.55
N LEU A 31 -16.36 -3.04 -4.56
CA LEU A 31 -14.92 -2.80 -4.36
C LEU A 31 -14.35 -1.92 -5.45
N LEU A 32 -14.70 -2.20 -6.70
CA LEU A 32 -14.32 -1.32 -7.80
C LEU A 32 -14.80 0.10 -7.57
N GLU A 33 -16.09 0.26 -7.27
CA GLU A 33 -16.62 1.58 -7.00
C GLU A 33 -15.91 2.23 -5.82
N ASN A 34 -15.57 1.43 -4.80
CA ASN A 34 -14.96 1.99 -3.60
C ASN A 34 -13.55 2.52 -3.88
N ASN A 35 -12.80 1.82 -4.73
CA ASN A 35 -11.51 2.33 -5.18
C ASN A 35 -11.66 3.76 -5.70
N ILE A 36 -12.56 3.95 -6.64
CA ILE A 36 -12.74 5.26 -7.26
C ILE A 36 -13.22 6.27 -6.23
N GLU A 37 -14.20 5.86 -5.40
CA GLU A 37 -14.73 6.78 -4.41
C GLU A 37 -13.64 7.36 -3.52
N ASN A 38 -12.60 6.58 -3.23
CA ASN A 38 -11.53 7.03 -2.35
C ASN A 38 -10.31 7.53 -3.12
N GLY A 39 -10.39 7.64 -4.44
CA GLY A 39 -9.21 7.96 -5.21
C GLY A 39 -8.73 9.39 -5.01
N GLU A 40 -7.44 9.59 -5.28
CA GLU A 40 -6.87 10.94 -5.19
C GLU A 40 -7.35 11.85 -6.32
N ARG A 41 -7.65 11.28 -7.50
CA ARG A 41 -8.16 12.04 -8.65
C ARG A 41 -9.21 11.19 -9.35
N PRO A 42 -10.35 10.97 -8.70
CA PRO A 42 -11.28 9.94 -9.18
C PRO A 42 -11.95 10.25 -10.52
N GLU A 43 -12.00 11.49 -10.97
CA GLU A 43 -12.61 11.79 -12.26
C GLU A 43 -11.70 11.44 -13.43
N ASP A 44 -10.46 11.03 -13.14
CA ASP A 44 -9.51 10.50 -14.12
C ASP A 44 -9.24 9.02 -13.87
N LEU A 45 -10.03 8.38 -13.02
CA LEU A 45 -9.83 6.99 -12.58
C LEU A 45 -8.58 6.85 -11.71
N VAL A 46 -7.91 7.94 -11.37
CA VAL A 46 -6.64 7.86 -10.66
C VAL A 46 -6.92 7.59 -9.18
N ILE A 47 -6.30 6.53 -8.66
CA ILE A 47 -6.50 6.14 -7.26
C ILE A 47 -5.38 6.67 -6.39
N TYR A 48 -4.13 6.40 -6.77
CA TYR A 48 -2.98 6.85 -6.01
C TYR A 48 -1.74 6.70 -6.91
N MET A 49 -0.57 6.86 -6.29
CA MET A 49 0.71 6.79 -6.99
C MET A 49 0.66 7.60 -8.29
N ASN A 50 0.24 8.85 -8.14
CA ASN A 50 0.13 9.84 -9.21
C ASN A 50 -0.84 9.48 -10.33
N ALA A 51 -0.72 8.28 -10.91
CA ALA A 51 -1.54 7.98 -12.07
C ALA A 51 -1.97 6.52 -12.15
N ALA A 52 -1.92 5.75 -11.05
CA ALA A 52 -2.41 4.39 -11.07
C ALA A 52 -3.94 4.37 -11.04
N LYS A 53 -4.55 3.64 -11.97
CA LYS A 53 -5.98 3.78 -12.27
C LYS A 53 -6.76 2.48 -11.99
N ALA A 54 -8.07 2.65 -11.76
CA ALA A 54 -8.96 1.52 -11.58
C ALA A 54 -9.29 0.79 -12.88
N ALA A 55 -9.09 1.43 -14.03
CA ALA A 55 -9.42 0.86 -15.34
C ALA A 55 -8.75 1.73 -16.39
N ARG A 56 -8.60 1.18 -17.60
CA ARG A 56 -7.80 1.88 -18.60
C ARG A 56 -8.45 3.21 -19.00
N ASP A 57 -9.77 3.25 -19.11
CA ASP A 57 -10.47 4.49 -19.39
C ASP A 57 -11.93 4.32 -18.98
N TRP A 58 -12.70 5.40 -19.08
CA TRP A 58 -14.07 5.33 -18.59
C TRP A 58 -14.91 4.36 -19.40
N ASP A 59 -14.55 4.12 -20.67
CA ASP A 59 -15.28 3.13 -21.46
C ASP A 59 -15.07 1.73 -20.91
N CYS A 60 -13.81 1.34 -20.69
CA CYS A 60 -13.58 0.02 -20.08
C CYS A 60 -14.23 -0.06 -18.70
N PHE A 61 -14.17 1.02 -17.92
CA PHE A 61 -14.88 1.04 -16.64
C PHE A 61 -16.35 0.69 -16.82
N ASP A 62 -17.01 1.27 -17.84
CA ASP A 62 -18.44 1.00 -18.02
C ASP A 62 -18.69 -0.44 -18.42
N ALA A 63 -17.85 -0.98 -19.31
CA ALA A 63 -18.04 -2.37 -19.75
C ALA A 63 -17.71 -3.35 -18.64
N ILE A 64 -16.74 -3.03 -17.78
CA ILE A 64 -16.47 -3.87 -16.62
C ILE A 64 -17.69 -3.92 -15.74
N VAL A 65 -18.33 -2.77 -15.51
CA VAL A 65 -19.51 -2.70 -14.67
C VAL A 65 -20.65 -3.52 -15.26
N ARG A 66 -20.85 -3.43 -16.58
CA ARG A 66 -21.93 -4.20 -17.20
C ARG A 66 -21.70 -5.70 -17.06
N THR A 67 -20.46 -6.15 -17.28
CA THR A 67 -20.17 -7.58 -17.18
C THR A 67 -20.38 -8.09 -15.76
N LEU A 68 -19.96 -7.31 -14.77
CA LEU A 68 -20.18 -7.71 -13.39
C LEU A 68 -21.67 -7.91 -13.11
N LYS A 69 -22.52 -7.04 -13.66
CA LYS A 69 -23.94 -7.09 -13.34
C LYS A 69 -24.65 -8.29 -13.96
N THR A 70 -24.15 -8.85 -15.06
CA THR A 70 -24.85 -9.91 -15.75
C THR A 70 -24.14 -11.26 -15.74
N MET A 71 -22.93 -11.35 -15.20
CA MET A 71 -22.17 -12.59 -15.26
C MET A 71 -22.67 -13.59 -14.22
N GLU A 72 -22.50 -14.87 -14.54
CA GLU A 72 -22.97 -15.96 -13.70
C GLU A 72 -21.91 -16.36 -12.68
N ALA A 73 -22.35 -17.15 -11.70
CA ALA A 73 -21.48 -17.60 -10.62
C ALA A 73 -20.51 -18.70 -11.05
N ASP A 74 -20.56 -19.13 -12.31
CA ASP A 74 -19.58 -20.08 -12.84
C ASP A 74 -18.88 -19.53 -14.08
N GLU A 75 -18.85 -18.21 -14.25
CA GLU A 75 -18.10 -17.55 -15.30
C GLU A 75 -17.03 -16.66 -14.68
N THR A 76 -16.02 -16.34 -15.48
CA THR A 76 -14.85 -15.60 -15.01
C THR A 76 -14.53 -14.47 -15.99
N LEU A 77 -14.43 -13.25 -15.47
CA LEU A 77 -14.08 -12.09 -16.29
C LEU A 77 -12.57 -11.89 -16.31
N VAL A 78 -12.04 -11.59 -17.50
CA VAL A 78 -10.60 -11.45 -17.73
C VAL A 78 -10.30 -10.00 -18.05
N VAL A 79 -9.36 -9.42 -17.32
CA VAL A 79 -9.01 -8.01 -17.44
C VAL A 79 -7.54 -7.91 -17.81
N GLN A 80 -7.26 -7.22 -18.91
CA GLN A 80 -5.91 -7.01 -19.42
C GLN A 80 -5.62 -5.52 -19.31
N SER A 81 -4.73 -5.14 -18.38
CA SER A 81 -4.37 -3.75 -18.13
C SER A 81 -5.58 -2.82 -18.15
N GLY A 82 -6.59 -3.16 -17.34
CA GLY A 82 -7.71 -2.27 -17.10
C GLY A 82 -8.82 -2.36 -18.12
N LYS A 83 -8.73 -3.29 -19.07
CA LYS A 83 -9.67 -3.43 -20.18
C LYS A 83 -10.29 -4.82 -20.11
N PRO A 84 -11.60 -4.94 -19.98
CA PRO A 84 -12.22 -6.26 -20.03
C PRO A 84 -12.05 -6.85 -21.42
N VAL A 85 -11.51 -8.06 -21.50
CA VAL A 85 -11.23 -8.68 -22.79
C VAL A 85 -11.90 -10.03 -22.98
N GLY A 86 -12.51 -10.60 -21.95
CA GLY A 86 -13.11 -11.91 -22.13
C GLY A 86 -13.98 -12.32 -20.96
N LEU A 87 -14.92 -13.21 -21.27
CA LEU A 87 -15.79 -13.85 -20.29
C LEU A 87 -15.83 -15.33 -20.62
N PHE A 88 -15.35 -16.17 -19.71
CA PHE A 88 -15.26 -17.60 -19.96
C PHE A 88 -16.14 -18.36 -18.98
N ARG A 89 -16.82 -19.39 -19.47
CA ARG A 89 -17.46 -20.34 -18.59
C ARG A 89 -16.39 -21.17 -17.89
N THR A 90 -16.33 -21.04 -16.57
CA THR A 90 -15.35 -21.79 -15.79
C THR A 90 -16.08 -22.73 -14.84
N HIS A 91 -15.99 -22.50 -13.54
CA HIS A 91 -16.78 -23.27 -12.58
C HIS A 91 -16.90 -22.45 -11.30
N ALA A 92 -17.71 -22.96 -10.37
CA ALA A 92 -18.08 -22.17 -9.19
C ALA A 92 -16.92 -22.02 -8.20
N PHE A 93 -15.94 -22.92 -8.22
CA PHE A 93 -14.80 -22.82 -7.33
C PHE A 93 -13.62 -22.10 -7.97
N ALA A 94 -13.77 -21.61 -9.20
CA ALA A 94 -12.77 -20.78 -9.83
C ALA A 94 -12.97 -19.32 -9.46
N PRO A 95 -11.99 -18.47 -9.73
CA PRO A 95 -12.17 -17.04 -9.44
C PRO A 95 -13.20 -16.43 -10.38
N ARG A 96 -13.83 -15.35 -9.92
CA ARG A 96 -14.76 -14.60 -10.74
C ARG A 96 -14.07 -13.56 -11.63
N VAL A 97 -12.92 -13.03 -11.21
CA VAL A 97 -12.17 -12.08 -12.03
C VAL A 97 -10.69 -12.45 -12.01
N LEU A 98 -10.06 -12.41 -13.19
CA LEU A 98 -8.61 -12.50 -13.33
C LEU A 98 -8.13 -11.22 -14.01
N LEU A 99 -7.17 -10.55 -13.37
CA LEU A 99 -6.59 -9.33 -13.92
C LEU A 99 -5.09 -9.50 -14.10
N ALA A 100 -4.58 -8.91 -15.17
CA ALA A 100 -3.13 -8.80 -15.39
C ALA A 100 -2.86 -7.41 -15.96
N ASN A 101 -2.21 -6.57 -15.16
CA ASN A 101 -2.13 -5.13 -15.41
C ASN A 101 -0.68 -4.69 -15.39
N GLY A 102 -0.26 -3.98 -16.43
CA GLY A 102 1.02 -3.29 -16.43
C GLY A 102 2.24 -4.17 -16.59
N ASN A 103 2.07 -5.42 -17.01
CA ASN A 103 3.19 -6.33 -17.23
C ASN A 103 3.70 -6.16 -18.67
N VAL A 104 4.99 -5.88 -18.78
CA VAL A 104 5.70 -5.64 -20.03
C VAL A 104 7.01 -6.43 -19.98
N ALA A 105 7.40 -7.06 -21.09
CA ALA A 105 8.60 -7.89 -21.05
C ALA A 105 9.81 -7.04 -20.66
N GLY A 106 10.67 -7.60 -19.79
CA GLY A 106 11.63 -6.79 -19.05
C GLY A 106 12.44 -5.82 -19.88
N ARG A 107 13.03 -6.31 -20.98
CA ARG A 107 13.98 -5.50 -21.75
C ARG A 107 13.36 -4.21 -22.30
N TRP A 108 12.03 -4.17 -22.43
CA TRP A 108 11.34 -3.01 -22.97
C TRP A 108 10.43 -2.35 -21.94
N ALA A 109 10.57 -2.69 -20.66
CA ALA A 109 9.80 -2.09 -19.59
C ALA A 109 10.57 -1.00 -18.85
N GLY A 110 11.57 -0.41 -19.50
CA GLY A 110 12.28 0.71 -18.91
C GLY A 110 11.36 1.90 -18.72
N ASP A 111 11.85 2.86 -17.92
CA ASP A 111 11.02 4.03 -17.56
C ASP A 111 10.46 4.72 -18.79
N ALA A 112 11.33 5.04 -19.75
CA ALA A 112 10.90 5.86 -20.89
C ALA A 112 9.85 5.15 -21.73
N ASN A 113 10.00 3.83 -21.92
CA ASN A 113 9.10 3.13 -22.83
C ASN A 113 7.77 2.78 -22.16
N MET A 114 7.79 2.52 -20.85
CA MET A 114 6.52 2.37 -20.13
C MET A 114 5.67 3.62 -20.29
N PHE A 115 6.29 4.79 -20.20
CA PHE A 115 5.58 6.05 -20.38
C PHE A 115 4.93 6.10 -21.76
N GLU A 116 5.70 5.74 -22.78
CA GLU A 116 5.20 5.76 -24.15
C GLU A 116 4.06 4.76 -24.35
N LEU A 117 4.23 3.54 -23.81
CA LEU A 117 3.17 2.54 -23.94
C LEU A 117 1.89 2.97 -23.24
N GLU A 118 2.02 3.57 -22.06
CA GLU A 118 0.83 4.10 -21.39
C GLU A 118 0.23 5.24 -22.21
N LYS A 119 1.06 6.13 -22.74
CA LYS A 119 0.55 7.25 -23.54
C LYS A 119 -0.27 6.74 -24.72
N ARG A 120 0.22 5.74 -25.41
CA ARG A 120 -0.45 5.20 -26.59
C ARG A 120 -1.65 4.34 -26.26
N GLY A 121 -1.96 4.15 -24.97
CA GLY A 121 -3.11 3.38 -24.54
C GLY A 121 -2.88 1.89 -24.46
N LEU A 122 -1.62 1.42 -24.50
CA LEU A 122 -1.35 -0.01 -24.59
C LEU A 122 -1.17 -0.67 -23.23
N THR A 123 -0.93 0.10 -22.17
CA THR A 123 -0.79 -0.44 -20.83
C THR A 123 -1.37 0.57 -19.85
N ILE A 124 -1.48 0.15 -18.59
CA ILE A 124 -1.76 1.07 -17.49
C ILE A 124 -0.70 0.84 -16.42
N LEU A 125 -0.50 1.87 -15.58
CA LEU A 125 0.29 1.67 -14.36
C LEU A 125 -0.67 1.18 -13.29
N PRO A 126 -0.57 -0.07 -12.85
CA PRO A 126 -1.60 -0.62 -11.96
C PRO A 126 -1.47 -0.19 -10.52
N GLY A 127 -0.33 0.37 -10.12
CA GLY A 127 -0.09 0.45 -8.70
C GLY A 127 -0.06 -0.95 -8.12
N MET A 128 -0.42 -1.05 -6.85
CA MET A 128 -0.59 -2.33 -6.17
C MET A 128 -2.08 -2.65 -6.06
N THR A 129 -2.85 -1.79 -5.42
CA THR A 129 -4.27 -2.04 -5.16
C THR A 129 -5.21 -1.15 -5.97
N ALA A 130 -4.70 -0.43 -6.97
CA ALA A 130 -5.53 0.49 -7.73
C ALA A 130 -6.32 -0.24 -8.81
N ALA A 131 -5.61 -1.00 -9.66
CA ALA A 131 -6.23 -1.66 -10.80
C ALA A 131 -6.79 -3.02 -10.46
N CYS A 132 -6.64 -3.49 -9.22
CA CYS A 132 -7.26 -4.73 -8.80
C CYS A 132 -8.30 -4.51 -7.70
N TRP A 133 -8.58 -3.25 -7.37
CA TRP A 133 -9.75 -2.87 -6.59
C TRP A 133 -9.67 -3.39 -5.13
N GLN A 134 -8.54 -3.09 -4.48
CA GLN A 134 -8.26 -3.49 -3.11
C GLN A 134 -7.76 -2.32 -2.26
N TYR A 135 -8.07 -1.09 -2.68
CA TYR A 135 -7.67 0.11 -1.96
C TYR A 135 -8.76 0.50 -0.96
N ILE A 136 -8.37 0.83 0.27
CA ILE A 136 -9.34 1.23 1.28
C ILE A 136 -8.99 2.62 1.79
N GLY A 137 -8.41 3.44 0.91
CA GLY A 137 -7.99 4.76 1.32
C GLY A 137 -6.69 4.73 2.11
N SER A 138 -6.40 5.88 2.75
CA SER A 138 -5.15 6.01 3.48
C SER A 138 -5.01 5.03 4.63
N GLN A 139 -6.11 4.38 5.06
CA GLN A 139 -6.01 3.46 6.19
C GLN A 139 -5.21 2.21 5.85
N GLY A 140 -5.27 1.75 4.60
CA GLY A 140 -4.51 0.56 4.22
C GLY A 140 -3.01 0.72 4.42
N ILE A 141 -2.53 1.96 4.50
CA ILE A 141 -1.10 2.21 4.66
C ILE A 141 -0.69 2.50 6.11
N VAL A 142 -1.62 2.89 6.99
CA VAL A 142 -1.21 3.55 8.21
C VAL A 142 -0.58 2.57 9.20
N GLN A 143 -1.08 1.34 9.28
CA GLN A 143 -0.52 0.41 10.25
C GLN A 143 0.91 0.07 9.90
N GLY A 144 1.21 -0.17 8.63
CA GLY A 144 2.57 -0.45 8.23
C GLY A 144 3.52 0.67 8.57
N THR A 145 3.11 1.90 8.30
CA THR A 145 3.97 3.06 8.58
C THR A 145 4.08 3.33 10.07
N TYR A 146 3.02 3.04 10.83
CA TYR A 146 3.10 3.14 12.28
C TYR A 146 4.00 2.03 12.85
N GLN A 147 3.90 0.82 12.30
CA GLN A 147 4.79 -0.25 12.73
C GLN A 147 6.25 0.12 12.50
N SER A 148 6.55 0.79 11.38
CA SER A 148 7.91 1.24 11.12
C SER A 148 8.36 2.27 12.17
N PHE A 149 7.52 3.27 12.44
CA PHE A 149 7.93 4.29 13.42
C PHE A 149 8.10 3.70 14.81
N VAL A 150 7.27 2.71 15.16
CA VAL A 150 7.36 2.10 16.48
C VAL A 150 8.58 1.19 16.59
N SER A 151 8.87 0.42 15.54
CA SER A 151 10.09 -0.38 15.53
C SER A 151 11.32 0.51 15.58
N ALA A 152 11.28 1.66 14.91
CA ALA A 152 12.42 2.57 14.97
C ALA A 152 12.60 3.11 16.39
N ALA A 153 11.49 3.42 17.06
CA ALA A 153 11.57 3.86 18.45
C ALA A 153 12.12 2.75 19.34
N GLU A 154 11.78 1.50 19.03
CA GLU A 154 12.30 0.39 19.82
C GLU A 154 13.78 0.14 19.52
N GLN A 155 14.24 0.40 18.30
CA GLN A 155 15.62 0.04 17.97
C GLN A 155 16.60 1.15 18.38
N TYR A 156 16.19 2.42 18.27
CA TYR A 156 17.15 3.50 18.34
C TYR A 156 16.87 4.58 19.37
N PHE A 157 15.66 4.64 19.93
CA PHE A 157 15.28 5.70 20.85
C PHE A 157 14.63 5.15 22.11
N GLY A 158 15.04 3.95 22.53
CA GLY A 158 14.66 3.41 23.83
C GLY A 158 13.20 3.07 23.99
N GLY A 159 12.47 2.82 22.90
CA GLY A 159 11.08 2.49 23.01
C GLY A 159 10.14 3.67 23.14
N SER A 160 10.56 4.86 22.72
CA SER A 160 9.68 6.02 22.86
C SER A 160 10.07 7.10 21.87
N LEU A 161 9.06 7.72 21.26
CA LEU A 161 9.22 8.90 20.43
C LEU A 161 8.67 10.17 21.10
N ALA A 162 8.24 10.06 22.36
CA ALA A 162 7.87 11.25 23.10
C ALA A 162 9.03 12.23 23.13
N GLY A 163 8.80 13.43 22.60
CA GLY A 163 9.84 14.42 22.48
C GLY A 163 10.70 14.32 21.24
N ARG A 164 10.44 13.36 20.35
CA ARG A 164 11.27 13.18 19.18
C ARG A 164 10.60 13.81 17.95
N ILE A 165 11.43 14.18 16.97
CA ILE A 165 10.99 14.85 15.76
C ILE A 165 11.10 13.89 14.59
N ILE A 166 10.02 13.77 13.80
CA ILE A 166 9.98 12.98 12.58
C ILE A 166 9.77 13.95 11.42
N LEU A 167 10.68 13.91 10.44
CA LEU A 167 10.57 14.73 9.24
C LEU A 167 10.38 13.82 8.02
N THR A 168 9.50 14.21 7.12
CA THR A 168 9.25 13.41 5.92
C THR A 168 8.49 14.25 4.90
N ALA A 169 8.30 13.69 3.72
CA ALA A 169 7.59 14.38 2.66
C ALA A 169 6.63 13.42 1.97
N GLY A 170 5.70 13.99 1.22
CA GLY A 170 4.71 13.17 0.56
C GLY A 170 3.44 13.03 1.37
N ALA A 171 2.41 13.77 0.98
CA ALA A 171 1.10 13.70 1.60
C ALA A 171 0.06 13.18 0.61
N GLY A 172 0.49 12.28 -0.25
CA GLY A 172 -0.36 11.73 -1.27
C GLY A 172 -1.32 10.69 -0.71
N GLY A 173 -1.81 9.84 -1.61
CA GLY A 173 -2.72 8.79 -1.19
C GLY A 173 -2.09 7.85 -0.17
N MET A 174 -0.84 7.46 -0.40
CA MET A 174 -0.10 6.63 0.54
C MET A 174 0.67 7.49 1.54
N GLY A 175 1.39 8.50 1.07
CA GLY A 175 2.15 9.34 1.98
C GLY A 175 1.31 10.01 3.05
N GLY A 176 0.04 10.26 2.75
CA GLY A 176 -0.80 10.97 3.70
C GLY A 176 -0.97 10.23 5.02
N ALA A 177 -0.76 8.91 5.00
CA ALA A 177 -0.82 8.13 6.24
C ALA A 177 0.31 8.47 7.21
N GLN A 178 1.35 9.18 6.75
CA GLN A 178 2.53 9.42 7.57
C GLN A 178 2.23 10.26 8.81
N PRO A 179 1.66 11.46 8.70
CA PRO A 179 1.54 12.31 9.90
C PRO A 179 0.63 11.74 10.97
N LEU A 180 -0.33 10.87 10.62
CA LEU A 180 -1.11 10.20 11.66
C LEU A 180 -0.30 9.09 12.32
N ALA A 181 0.45 8.31 11.53
CA ALA A 181 1.27 7.25 12.11
C ALA A 181 2.31 7.82 13.08
N GLY A 182 3.02 8.87 12.66
CA GLY A 182 3.93 9.55 13.58
C GLY A 182 3.26 10.03 14.85
N LYS A 183 2.07 10.65 14.71
CA LYS A 183 1.34 11.11 15.90
C LYS A 183 0.94 9.93 16.78
N MET A 184 0.27 8.93 16.20
CA MET A 184 -0.06 7.73 16.95
C MET A 184 1.17 7.15 17.67
N ALA A 185 2.36 7.37 17.12
CA ALA A 185 3.59 6.83 17.68
C ALA A 185 4.20 7.71 18.77
N GLY A 186 3.64 8.90 19.01
CA GLY A 186 4.14 9.81 20.02
C GLY A 186 5.06 10.88 19.53
N ALA A 187 5.40 10.89 18.25
CA ALA A 187 6.41 11.82 17.76
C ALA A 187 5.79 13.12 17.25
N ALA A 188 6.56 14.20 17.36
CA ALA A 188 6.29 15.43 16.63
C ALA A 188 6.64 15.21 15.17
N THR A 189 5.63 15.20 14.30
CA THR A 189 5.78 14.75 12.92
C THR A 189 5.53 15.90 11.95
N LEU A 190 6.52 16.19 11.11
CA LEU A 190 6.46 17.25 10.11
C LEU A 190 6.49 16.63 8.72
N VAL A 191 5.46 16.90 7.91
CA VAL A 191 5.36 16.35 6.55
C VAL A 191 5.33 17.50 5.55
N VAL A 192 6.26 17.48 4.59
CA VAL A 192 6.34 18.46 3.52
C VAL A 192 5.63 17.92 2.29
N ASP A 193 4.76 18.74 1.69
CA ASP A 193 4.19 18.44 0.37
C ASP A 193 4.11 19.72 -0.42
N VAL A 194 4.47 19.63 -1.70
CA VAL A 194 4.49 20.80 -2.57
C VAL A 194 3.09 21.25 -3.00
N ASP A 195 2.06 20.48 -2.70
CA ASP A 195 0.71 20.73 -3.21
C ASP A 195 -0.31 20.92 -2.07
N PRO A 196 -0.78 22.14 -1.82
CA PRO A 196 -1.63 22.35 -0.63
C PRO A 196 -2.88 21.49 -0.62
N VAL A 197 -3.46 21.15 -1.78
CA VAL A 197 -4.66 20.32 -1.80
C VAL A 197 -4.39 18.96 -1.16
N SER A 198 -3.17 18.44 -1.29
CA SER A 198 -2.85 17.17 -0.65
C SER A 198 -2.91 17.28 0.87
N LEU A 199 -2.29 18.32 1.42
CA LEU A 199 -2.38 18.56 2.85
C LEU A 199 -3.82 18.83 3.28
N GLU A 200 -4.54 19.64 2.49
CA GLU A 200 -5.93 19.93 2.83
C GLU A 200 -6.78 18.66 2.90
N ARG A 201 -6.52 17.71 2.00
CA ARG A 201 -7.26 16.45 2.03
C ARG A 201 -6.95 15.63 3.28
N ARG A 202 -5.68 15.61 3.72
CA ARG A 202 -5.37 14.91 4.96
C ARG A 202 -5.91 15.67 6.18
N LEU A 203 -5.80 16.99 6.17
CA LEU A 203 -6.33 17.81 7.25
C LEU A 203 -7.82 17.54 7.49
N ASN A 204 -8.60 17.40 6.41
CA ASN A 204 -10.03 17.22 6.52
C ASN A 204 -10.43 15.77 6.83
N THR A 205 -9.57 14.81 6.51
CA THR A 205 -9.82 13.39 6.74
C THR A 205 -9.38 12.92 8.13
N GLY A 206 -8.76 13.79 8.92
CA GLY A 206 -8.29 13.42 10.23
C GLY A 206 -6.85 12.93 10.29
N TYR A 207 -6.10 13.04 9.18
CA TYR A 207 -4.74 12.53 9.10
C TYR A 207 -3.68 13.59 9.28
N LEU A 208 -4.06 14.86 9.38
CA LEU A 208 -3.13 15.95 9.63
C LEU A 208 -3.76 16.91 10.63
N ASP A 209 -2.98 17.34 11.62
CA ASP A 209 -3.55 18.19 12.67
C ASP A 209 -3.65 19.63 12.23
N VAL A 210 -2.56 20.20 11.72
CA VAL A 210 -2.57 21.58 11.26
C VAL A 210 -1.64 21.72 10.07
N ILE A 211 -1.94 22.71 9.24
CA ILE A 211 -1.10 23.08 8.11
C ILE A 211 -0.42 24.38 8.46
N ALA A 212 0.91 24.36 8.50
CA ALA A 212 1.67 25.55 8.85
C ALA A 212 1.63 26.58 7.72
N THR A 213 1.85 27.84 8.09
CA THR A 213 1.84 28.95 7.14
C THR A 213 3.22 29.29 6.62
N SER A 214 4.29 28.76 7.23
CA SER A 214 5.65 29.05 6.79
C SER A 214 6.60 28.07 7.49
N VAL A 215 7.86 28.11 7.06
CA VAL A 215 8.89 27.25 7.66
C VAL A 215 9.07 27.60 9.13
N ASP A 216 9.30 28.88 9.42
CA ASP A 216 9.36 29.34 10.81
C ASP A 216 8.19 28.81 11.60
N ASP A 217 6.97 29.05 11.09
CA ASP A 217 5.78 28.56 11.77
C ASP A 217 5.83 27.05 12.00
N ALA A 218 6.27 26.30 10.99
CA ALA A 218 6.37 24.86 11.14
C ALA A 218 7.32 24.49 12.26
N LEU A 219 8.44 25.21 12.37
CA LEU A 219 9.45 24.91 13.36
C LEU A 219 8.95 25.17 14.78
N ALA A 220 8.21 26.27 14.96
CA ALA A 220 7.71 26.59 16.29
C ALA A 220 6.72 25.54 16.78
N ARG A 221 5.81 25.10 15.90
CA ARG A 221 4.77 24.17 16.32
C ARG A 221 5.33 22.79 16.60
N ILE A 222 6.29 22.33 15.80
CA ILE A 222 6.91 21.03 16.06
C ILE A 222 7.66 21.07 17.40
N ARG A 223 8.42 22.14 17.64
CA ARG A 223 9.19 22.26 18.88
C ARG A 223 8.30 22.32 20.10
N THR A 224 7.11 22.91 19.97
CA THR A 224 6.14 22.91 21.05
C THR A 224 5.64 21.49 21.33
N LEU A 225 5.30 20.75 20.28
CA LEU A 225 4.97 19.34 20.46
C LEU A 225 6.13 18.59 21.08
N ALA A 226 7.33 18.79 20.55
CA ALA A 226 8.51 18.12 21.11
C ALA A 226 8.68 18.47 22.57
N ALA A 227 8.55 19.75 22.92
CA ALA A 227 8.80 20.14 24.30
C ALA A 227 7.71 19.63 25.23
N GLU A 228 6.46 19.56 24.77
CA GLU A 228 5.41 18.95 25.57
C GLU A 228 5.44 17.42 25.47
N ARG A 229 6.32 16.86 24.64
CA ARG A 229 6.46 15.42 24.48
C ARG A 229 5.12 14.78 24.14
N GLU A 230 4.36 15.45 23.27
CA GLU A 230 3.10 14.96 22.76
C GLU A 230 3.26 14.57 21.29
N GLY A 231 2.48 13.59 20.87
CA GLY A 231 2.41 13.24 19.45
C GLY A 231 1.50 14.22 18.73
N GLY A 232 1.96 14.71 17.58
CA GLY A 232 1.16 15.63 16.78
C GLY A 232 1.71 15.73 15.37
N SER A 233 0.87 16.23 14.46
CA SER A 233 1.21 16.32 13.05
C SER A 233 1.15 17.76 12.57
N VAL A 234 2.16 18.16 11.81
CA VAL A 234 2.30 19.50 11.27
C VAL A 234 2.64 19.37 9.79
N GLY A 235 1.80 19.93 8.91
CA GLY A 235 2.09 19.97 7.49
C GLY A 235 2.74 21.28 7.05
N ILE A 236 3.57 21.19 6.00
CA ILE A 236 4.17 22.37 5.35
C ILE A 236 3.89 22.29 3.86
N VAL A 237 3.49 23.41 3.25
CA VAL A 237 3.37 23.49 1.80
C VAL A 237 4.71 23.98 1.25
N GLY A 238 5.35 23.13 0.45
CA GLY A 238 6.58 23.52 -0.21
C GLY A 238 7.26 22.33 -0.86
N ASN A 239 8.30 22.63 -1.61
CA ASN A 239 9.06 21.60 -2.32
C ASN A 239 10.11 20.99 -1.39
N ALA A 240 10.14 19.65 -1.33
CA ALA A 240 10.98 18.97 -0.34
C ALA A 240 12.44 19.39 -0.46
N ALA A 241 12.91 19.63 -1.68
CA ALA A 241 14.29 20.07 -1.86
C ALA A 241 14.54 21.41 -1.16
N ASP A 242 13.63 22.38 -1.34
CA ASP A 242 13.83 23.69 -0.74
C ASP A 242 13.56 23.68 0.75
N VAL A 243 12.55 22.93 1.19
CA VAL A 243 12.16 22.96 2.60
C VAL A 243 13.13 22.14 3.45
N PHE A 244 13.55 20.97 2.96
CA PHE A 244 14.54 20.19 3.70
C PHE A 244 15.80 21.01 3.96
N GLU A 245 16.26 21.75 2.96
CA GLU A 245 17.47 22.55 3.13
C GLU A 245 17.26 23.68 4.13
N ALA A 246 16.08 24.31 4.11
CA ALA A 246 15.82 25.41 5.04
C ALA A 246 15.67 24.89 6.46
N LEU A 247 15.00 23.74 6.62
CA LEU A 247 14.89 23.12 7.94
C LEU A 247 16.25 22.72 8.49
N HIS A 248 17.25 22.54 7.64
CA HIS A 248 18.58 22.30 8.17
C HIS A 248 19.28 23.60 8.55
N ARG A 249 19.11 24.65 7.73
CA ARG A 249 19.66 25.95 8.12
C ARG A 249 19.07 26.44 9.44
N LYS A 250 17.80 26.14 9.70
CA LYS A 250 17.13 26.58 10.92
C LYS A 250 17.24 25.58 12.05
N GLU A 251 17.97 24.48 11.86
CA GLU A 251 18.37 23.59 12.95
C GLU A 251 17.19 22.81 13.52
N LEU A 252 16.32 22.30 12.64
CA LEU A 252 15.26 21.42 13.11
C LEU A 252 15.84 20.24 13.91
N ARG A 253 17.03 19.77 13.53
CA ARG A 253 17.69 18.64 14.20
C ARG A 253 16.75 17.44 14.34
N PRO A 254 16.20 16.94 13.23
CA PRO A 254 15.24 15.85 13.32
C PRO A 254 15.89 14.54 13.75
N ASP A 255 15.10 13.71 14.44
CA ASP A 255 15.57 12.40 14.88
C ASP A 255 15.44 11.36 13.79
N ILE A 256 14.38 11.49 12.97
CA ILE A 256 14.03 10.54 11.94
C ILE A 256 13.70 11.32 10.68
N VAL A 257 14.30 10.94 9.56
CA VAL A 257 13.98 11.51 8.25
C VAL A 257 13.68 10.37 7.30
N THR A 258 12.54 10.47 6.61
CA THR A 258 12.14 9.51 5.58
C THR A 258 11.40 10.29 4.49
N ASP A 259 10.78 9.58 3.55
CA ASP A 259 10.19 10.24 2.40
C ASP A 259 9.25 9.27 1.67
N GLN A 260 8.06 9.76 1.32
CA GLN A 260 7.09 9.01 0.53
C GLN A 260 6.55 9.88 -0.60
N CYS A 261 7.43 10.69 -1.18
CA CYS A 261 7.07 11.44 -2.38
C CYS A 261 6.91 10.45 -3.55
N MET A 262 6.09 10.82 -4.52
CA MET A 262 6.25 10.30 -5.88
C MET A 262 7.50 10.94 -6.46
N VAL A 263 8.57 10.17 -6.59
CA VAL A 263 9.81 10.70 -7.14
C VAL A 263 9.97 10.38 -8.63
N ASP A 264 8.95 9.85 -9.25
CA ASP A 264 9.01 9.55 -10.68
C ASP A 264 8.97 10.86 -11.46
N PRO A 265 10.02 11.21 -12.21
CA PRO A 265 9.97 12.44 -13.01
C PRO A 265 8.86 12.42 -14.03
N TYR A 266 8.46 11.23 -14.51
CA TYR A 266 7.35 11.14 -15.45
C TYR A 266 6.00 11.28 -14.79
N ARG A 267 5.88 10.90 -13.50
CA ARG A 267 4.58 10.88 -12.83
C ARG A 267 4.74 11.33 -11.38
N GLY A 268 4.78 12.64 -11.17
CA GLY A 268 4.44 13.22 -9.88
C GLY A 268 5.54 14.04 -9.21
N TYR A 269 6.81 13.80 -9.49
CA TYR A 269 7.85 14.55 -8.81
C TYR A 269 7.96 15.95 -9.40
N VAL A 270 7.83 16.95 -8.53
CA VAL A 270 7.70 18.34 -8.95
C VAL A 270 9.08 19.00 -8.85
N PRO A 271 9.66 19.48 -9.94
CA PRO A 271 10.93 20.20 -9.83
C PRO A 271 10.76 21.47 -9.02
N SER A 272 11.85 21.92 -8.41
CA SER A 272 11.83 23.09 -7.55
C SER A 272 11.59 24.35 -8.38
N GLY A 273 10.54 25.08 -8.04
CA GLY A 273 10.12 26.25 -8.79
C GLY A 273 8.86 26.04 -9.61
N LEU A 274 8.42 24.80 -9.76
CA LEU A 274 7.22 24.49 -10.53
C LEU A 274 6.10 24.07 -9.60
N SER A 275 4.88 24.17 -10.12
CA SER A 275 3.71 23.61 -9.47
C SER A 275 3.44 22.21 -9.99
N PRO A 276 2.55 21.46 -9.32
CA PRO A 276 2.19 20.16 -9.90
C PRO A 276 1.67 20.27 -11.32
N ALA A 277 0.83 21.27 -11.59
CA ALA A 277 0.32 21.47 -12.95
C ALA A 277 1.46 21.72 -13.93
N GLU A 278 2.27 22.74 -13.65
CA GLU A 278 3.39 23.03 -14.54
C GLU A 278 4.27 21.81 -14.77
N ALA A 279 4.54 21.03 -13.72
CA ALA A 279 5.38 19.84 -13.85
C ALA A 279 4.78 18.88 -14.86
N ALA A 280 3.48 18.58 -14.73
CA ALA A 280 2.82 17.64 -15.64
C ALA A 280 2.76 18.15 -17.07
N GLN A 281 2.67 19.47 -17.24
CA GLN A 281 2.66 20.05 -18.57
C GLN A 281 4.06 19.99 -19.19
N LEU A 282 5.09 20.33 -18.41
CA LEU A 282 6.45 20.23 -18.92
C LEU A 282 6.79 18.79 -19.32
N VAL A 283 6.17 17.80 -18.69
CA VAL A 283 6.44 16.42 -19.08
C VAL A 283 5.70 16.07 -20.36
N ARG A 284 4.55 16.68 -20.60
CA ARG A 284 3.81 16.38 -21.82
C ARG A 284 4.41 17.09 -23.04
N THR A 285 4.93 18.30 -22.85
CA THR A 285 5.40 19.11 -23.98
C THR A 285 6.91 19.11 -24.17
N ASP A 286 7.69 18.98 -23.09
CA ASP A 286 9.15 18.99 -23.18
C ASP A 286 9.70 18.02 -22.15
N PRO A 287 9.60 16.71 -22.41
CA PRO A 287 9.97 15.74 -21.38
C PRO A 287 11.44 15.80 -20.99
N GLU A 288 12.32 16.12 -21.92
CA GLU A 288 13.75 16.09 -21.62
C GLU A 288 14.16 17.22 -20.69
N GLN A 289 13.48 18.38 -20.74
CA GLN A 289 13.78 19.42 -19.77
C GLN A 289 13.22 19.06 -18.40
N ALA A 290 12.02 18.47 -18.36
CA ALA A 290 11.44 18.05 -17.09
C ALA A 290 12.37 17.09 -16.35
N LEU A 291 12.85 16.06 -17.05
CA LEU A 291 13.75 15.11 -16.41
C LEU A 291 15.01 15.78 -15.92
N ALA A 292 15.55 16.73 -16.69
CA ALA A 292 16.72 17.47 -16.22
C ALA A 292 16.41 18.26 -14.95
N LEU A 293 15.23 18.90 -14.90
CA LEU A 293 14.87 19.69 -13.73
C LEU A 293 14.50 18.80 -12.55
N ALA A 294 13.75 17.72 -12.80
CA ALA A 294 13.44 16.75 -11.75
C ALA A 294 14.72 16.20 -11.11
N ALA A 295 15.64 15.69 -11.94
CA ALA A 295 16.87 15.12 -11.40
C ALA A 295 17.70 16.16 -10.66
N ALA A 296 17.70 17.40 -11.13
CA ALA A 296 18.38 18.46 -10.41
C ALA A 296 17.79 18.66 -9.02
N THR A 297 16.45 18.64 -8.93
CA THR A 297 15.78 18.84 -7.64
C THR A 297 15.94 17.62 -6.74
N LEU A 298 15.93 16.41 -7.31
CA LEU A 298 16.06 15.21 -6.49
C LEU A 298 17.45 15.09 -5.87
N ALA A 299 18.48 15.55 -6.58
CA ALA A 299 19.83 15.52 -6.03
C ALA A 299 19.95 16.41 -4.79
N ARG A 300 19.30 17.58 -4.81
CA ARG A 300 19.27 18.43 -3.62
C ARG A 300 18.43 17.80 -2.52
N HIS A 301 17.27 17.27 -2.89
CA HIS A 301 16.40 16.54 -1.97
C HIS A 301 17.18 15.45 -1.22
N ALA A 302 17.91 14.62 -1.96
CA ALA A 302 18.63 13.50 -1.36
C ALA A 302 19.83 13.98 -0.54
N ARG A 303 20.59 14.95 -1.08
N ARG A 303 20.59 14.95 -1.07
CA ARG A 303 21.71 15.49 -0.32
CA ARG A 303 21.72 15.45 -0.30
C ARG A 303 21.25 16.09 0.99
C ARG A 303 21.28 16.16 0.98
N ALA A 304 20.03 16.65 1.03
CA ALA A 304 19.53 17.22 2.27
C ALA A 304 19.20 16.12 3.29
N MET A 305 18.65 15.00 2.81
CA MET A 305 18.42 13.86 3.69
C MET A 305 19.75 13.30 4.19
N LEU A 306 20.74 13.17 3.29
CA LEU A 306 22.05 12.74 3.73
C LEU A 306 22.65 13.70 4.74
N ARG A 307 22.39 15.01 4.60
CA ARG A 307 22.96 15.96 5.55
C ARG A 307 22.32 15.84 6.92
N PHE A 308 21.02 15.49 6.99
CA PHE A 308 20.45 15.18 8.30
C PHE A 308 21.12 13.95 8.89
N ARG A 309 21.42 12.95 8.07
CA ARG A 309 22.07 11.73 8.58
C ARG A 309 23.42 12.07 9.18
N ASP A 310 24.21 12.91 8.51
CA ASP A 310 25.52 13.30 9.04
C ASP A 310 25.39 13.91 10.44
N ASP A 311 24.25 14.50 10.76
CA ASP A 311 24.02 15.06 12.09
C ASP A 311 23.58 14.02 13.12
N GLY A 312 23.20 12.82 12.69
CA GLY A 312 22.76 11.80 13.61
C GLY A 312 21.29 11.43 13.53
N ALA A 313 20.58 11.86 12.50
CA ALA A 313 19.23 11.37 12.31
C ALA A 313 19.25 9.94 11.77
N VAL A 314 18.24 9.17 12.15
CA VAL A 314 17.94 7.91 11.50
C VAL A 314 17.18 8.22 10.21
N VAL A 315 17.77 7.86 9.06
CA VAL A 315 17.25 8.23 7.74
C VAL A 315 17.06 6.96 6.93
N PHE A 316 15.82 6.68 6.52
CA PHE A 316 15.57 5.50 5.71
C PHE A 316 14.64 5.83 4.55
N GLU A 317 14.71 4.99 3.52
CA GLU A 317 13.83 5.04 2.38
C GLU A 317 12.53 4.31 2.68
N TYR A 318 11.44 4.71 2.03
CA TYR A 318 10.15 4.08 2.26
C TYR A 318 9.51 3.67 0.93
N GLY A 319 10.22 2.80 0.21
CA GLY A 319 9.65 2.07 -0.91
C GLY A 319 9.24 2.88 -2.12
N ASN A 320 9.81 4.07 -2.33
CA ASN A 320 9.45 4.89 -3.48
C ASN A 320 10.60 5.08 -4.46
N THR A 321 11.68 4.32 -4.32
CA THR A 321 12.81 4.31 -5.24
C THR A 321 13.70 5.55 -5.09
N LEU A 322 13.65 6.22 -3.94
CA LEU A 322 14.37 7.48 -3.79
C LEU A 322 15.87 7.29 -3.95
N ARG A 323 16.43 6.23 -3.39
CA ARG A 323 17.87 6.04 -3.45
C ARG A 323 18.32 5.77 -4.89
N ALA A 324 17.69 4.79 -5.55
CA ALA A 324 18.09 4.45 -6.91
C ALA A 324 17.94 5.65 -7.84
N ARG A 325 16.74 6.26 -7.88
N ARG A 325 16.74 6.26 -7.88
CA ARG A 325 16.56 7.44 -8.70
CA ARG A 325 16.57 7.44 -8.71
C ARG A 325 17.52 8.55 -8.29
C ARG A 325 17.53 8.56 -8.29
N SER A 326 17.85 8.64 -7.00
CA SER A 326 18.83 9.63 -6.55
C SER A 326 20.23 9.28 -7.03
N VAL A 327 20.57 7.98 -7.02
CA VAL A 327 21.84 7.55 -7.60
C VAL A 327 21.91 7.93 -9.08
N ALA A 328 20.81 7.72 -9.82
CA ALA A 328 20.83 8.05 -11.24
C ALA A 328 21.03 9.54 -11.48
N ALA A 329 20.59 10.39 -10.54
CA ALA A 329 20.69 11.84 -10.69
C ALA A 329 22.00 12.40 -10.14
N GLY A 330 22.97 11.54 -9.80
CA GLY A 330 24.29 11.99 -9.41
C GLY A 330 24.59 12.00 -7.93
N VAL A 331 23.84 11.26 -7.11
CA VAL A 331 24.13 11.21 -5.68
C VAL A 331 24.42 9.76 -5.30
N PRO A 332 25.63 9.27 -5.53
CA PRO A 332 25.91 7.84 -5.24
C PRO A 332 25.84 7.50 -3.77
N GLU A 333 26.11 8.45 -2.86
CA GLU A 333 25.94 8.15 -1.44
C GLU A 333 24.50 7.79 -1.09
N ALA A 334 23.52 8.23 -1.89
CA ALA A 334 22.13 7.90 -1.61
C ALA A 334 21.87 6.40 -1.66
N GLY A 335 22.74 5.65 -2.32
CA GLY A 335 22.60 4.20 -2.35
C GLY A 335 23.04 3.49 -1.09
N GLU A 336 23.67 4.20 -0.16
CA GLU A 336 24.10 3.62 1.10
C GLU A 336 23.13 3.90 2.25
N LEU A 337 22.03 4.60 2.00
CA LEU A 337 20.99 4.74 2.99
C LEU A 337 20.24 3.41 3.19
N PRO A 338 19.77 3.14 4.40
CA PRO A 338 18.99 1.93 4.66
C PRO A 338 17.55 2.14 4.20
N SER A 339 16.71 1.14 4.46
CA SER A 339 15.32 1.15 4.02
C SER A 339 14.41 0.63 5.12
N PHE A 340 13.13 1.00 5.05
CA PHE A 340 12.20 0.55 6.08
C PHE A 340 12.07 -0.97 6.10
N VAL A 341 12.25 -1.62 4.95
CA VAL A 341 12.07 -3.07 4.88
C VAL A 341 13.15 -3.78 5.68
N THR A 342 14.41 -3.47 5.38
CA THR A 342 15.49 -4.24 5.98
C THR A 342 15.65 -3.91 7.46
N LEU A 343 15.19 -2.73 7.87
CA LEU A 343 15.27 -2.38 9.30
C LEU A 343 14.03 -2.81 10.08
N PHE A 344 12.85 -2.81 9.47
CA PHE A 344 11.64 -2.94 10.29
C PHE A 344 10.72 -4.07 9.88
N ILE A 345 10.51 -4.33 8.59
CA ILE A 345 9.39 -5.19 8.19
C ILE A 345 9.80 -6.63 7.92
N ARG A 346 11.01 -6.86 7.43
CA ARG A 346 11.35 -8.22 7.02
C ARG A 346 11.18 -9.26 8.13
N PRO A 347 11.46 -8.97 9.41
CA PRO A 347 11.17 -9.99 10.43
C PRO A 347 9.70 -10.39 10.46
N LEU A 348 8.80 -9.43 10.23
CA LEU A 348 7.39 -9.78 10.14
C LEU A 348 7.11 -10.69 8.95
N PHE A 349 7.68 -10.36 7.79
CA PHE A 349 7.44 -11.16 6.59
C PHE A 349 7.88 -12.62 6.79
N CYS A 350 8.97 -12.83 7.55
CA CYS A 350 9.46 -14.19 7.79
C CYS A 350 8.42 -15.07 8.49
N ARG A 351 7.54 -14.49 9.30
CA ARG A 351 6.42 -15.21 9.90
C ARG A 351 5.12 -15.06 9.12
N GLY A 352 5.17 -14.53 7.90
CA GLY A 352 3.96 -14.36 7.10
C GLY A 352 3.06 -13.22 7.53
N ILE A 353 3.56 -12.28 8.33
CA ILE A 353 2.77 -11.18 8.84
C ILE A 353 2.77 -10.08 7.79
N GLY A 354 1.57 -9.69 7.32
CA GLY A 354 1.44 -8.74 6.24
C GLY A 354 0.15 -7.92 6.32
N PRO A 355 0.02 -6.92 5.42
CA PRO A 355 -1.10 -5.96 5.54
C PRO A 355 -2.47 -6.50 5.14
N PHE A 356 -2.86 -7.63 5.73
CA PHE A 356 -4.23 -8.15 5.74
C PHE A 356 -5.24 -7.03 5.98
N ARG A 357 -6.32 -7.03 5.21
CA ARG A 357 -7.37 -6.01 5.37
C ARG A 357 -8.73 -6.58 4.98
N TRP A 358 -9.79 -5.89 5.37
CA TRP A 358 -11.13 -6.35 5.04
C TRP A 358 -12.09 -5.17 4.93
N ILE A 359 -13.17 -5.41 4.20
CA ILE A 359 -14.10 -4.35 3.78
C ILE A 359 -15.53 -4.86 3.89
N ALA A 360 -16.41 -4.03 4.43
CA ALA A 360 -17.82 -4.37 4.58
C ALA A 360 -18.57 -3.94 3.33
N ALA A 361 -18.96 -4.90 2.50
CA ALA A 361 -19.74 -4.57 1.32
C ALA A 361 -21.04 -3.88 1.71
N SER A 362 -21.51 -4.15 2.93
CA SER A 362 -22.66 -3.46 3.50
C SER A 362 -22.54 -1.95 3.38
N GLY A 363 -21.35 -1.42 3.67
CA GLY A 363 -21.23 -0.01 3.93
C GLY A 363 -21.63 0.40 5.32
N ASP A 364 -21.97 -0.55 6.20
CA ASP A 364 -22.45 -0.27 7.54
C ASP A 364 -21.28 -0.36 8.52
N PRO A 365 -20.89 0.75 9.17
CA PRO A 365 -19.78 0.68 10.13
C PRO A 365 -19.98 -0.37 11.23
N LYS A 366 -21.24 -0.75 11.48
CA LYS A 366 -21.47 -1.76 12.51
C LYS A 366 -20.90 -3.11 12.11
N ASP A 367 -20.64 -3.34 10.82
CA ASP A 367 -20.07 -4.61 10.39
C ASP A 367 -18.57 -4.67 10.71
N ILE A 368 -17.87 -3.55 10.59
CA ILE A 368 -16.47 -3.49 10.98
C ILE A 368 -16.33 -3.59 12.50
N ALA A 369 -17.15 -2.81 13.23
CA ALA A 369 -17.09 -2.89 14.68
C ALA A 369 -17.39 -4.30 15.17
N ALA A 370 -18.28 -5.01 14.48
CA ALA A 370 -18.54 -6.40 14.81
C ALA A 370 -17.25 -7.22 14.76
N ILE A 371 -16.56 -7.20 13.61
CA ILE A 371 -15.31 -7.93 13.49
C ILE A 371 -14.31 -7.45 14.51
N ASP A 372 -14.31 -6.15 14.80
CA ASP A 372 -13.40 -5.61 15.80
C ASP A 372 -13.57 -6.33 17.14
N GLY A 373 -14.81 -6.66 17.50
CA GLY A 373 -15.04 -7.40 18.73
C GLY A 373 -14.62 -8.85 18.63
N ILE A 374 -14.77 -9.44 17.45
CA ILE A 374 -14.30 -10.81 17.24
C ILE A 374 -12.81 -10.91 17.53
N ILE A 375 -12.03 -9.97 17.01
CA ILE A 375 -10.59 -10.00 17.22
C ILE A 375 -10.27 -9.95 18.71
N GLU A 376 -10.91 -9.04 19.44
CA GLU A 376 -10.57 -8.88 20.84
C GLU A 376 -11.03 -10.08 21.68
N SER A 377 -11.96 -10.89 21.18
CA SER A 377 -12.37 -12.11 21.84
C SER A 377 -11.57 -13.32 21.39
N THR A 378 -10.71 -13.18 20.37
CA THR A 378 -10.10 -14.32 19.70
C THR A 378 -8.59 -14.41 19.86
N PHE A 379 -7.89 -13.28 19.97
CA PHE A 379 -6.45 -13.27 20.08
C PHE A 379 -6.01 -12.83 21.47
N ALA A 380 -4.91 -13.41 21.94
CA ALA A 380 -4.42 -13.12 23.29
C ALA A 380 -4.11 -11.64 23.45
N GLU A 381 -4.21 -11.16 24.68
CA GLU A 381 -3.74 -9.81 24.96
C GLU A 381 -2.27 -9.69 24.60
N GLY A 382 -1.85 -8.48 24.25
CA GLY A 382 -0.46 -8.28 23.90
C GLY A 382 -0.13 -8.69 22.48
N HIS A 383 -0.96 -9.55 21.88
CA HIS A 383 -0.83 -9.80 20.45
C HIS A 383 -0.77 -8.48 19.71
N MET A 384 0.05 -8.44 18.66
CA MET A 384 0.14 -7.26 17.81
C MET A 384 -1.25 -6.71 17.48
N ILE A 385 -2.19 -7.60 17.14
CA ILE A 385 -3.50 -7.13 16.66
C ILE A 385 -4.38 -6.62 17.80
N ARG A 386 -4.15 -7.04 19.04
CA ARG A 386 -4.96 -6.54 20.15
C ARG A 386 -4.57 -5.13 20.56
N GLN A 387 -3.35 -4.70 20.25
CA GLN A 387 -2.95 -3.32 20.50
C GLN A 387 -3.25 -2.41 19.32
N TRP A 388 -3.43 -2.96 18.12
CA TRP A 388 -3.70 -2.10 16.98
C TRP A 388 -5.18 -1.70 16.94
N ILE A 389 -6.10 -2.63 17.20
CA ILE A 389 -7.53 -2.32 17.06
C ILE A 389 -7.94 -1.14 17.93
N PRO A 390 -7.54 -1.04 19.20
CA PRO A 390 -7.91 0.16 19.97
C PRO A 390 -7.31 1.42 19.38
N MET A 391 -6.10 1.33 18.82
CA MET A 391 -5.50 2.49 18.17
C MET A 391 -6.29 2.88 16.92
N ALA A 392 -6.61 1.89 16.06
CA ALA A 392 -7.37 2.19 14.87
C ALA A 392 -8.74 2.77 15.22
N ARG A 393 -9.41 2.15 16.19
CA ARG A 393 -10.69 2.68 16.66
C ARG A 393 -10.56 4.15 17.05
N LYS A 394 -9.43 4.53 17.63
CA LYS A 394 -9.29 5.85 18.22
C LYS A 394 -8.99 6.92 17.19
N TYR A 395 -8.13 6.62 16.21
CA TYR A 395 -7.57 7.65 15.36
C TYR A 395 -8.10 7.66 13.93
N ILE A 396 -8.64 6.55 13.46
CA ILE A 396 -8.81 6.32 12.02
C ILE A 396 -10.28 6.51 11.67
N GLN A 397 -10.59 7.58 10.93
CA GLN A 397 -11.93 7.75 10.39
C GLN A 397 -12.16 6.81 9.22
N PHE A 398 -13.40 6.35 9.09
CA PHE A 398 -13.75 5.56 7.92
C PHE A 398 -13.63 6.41 6.66
N GLN A 399 -13.31 5.73 5.56
CA GLN A 399 -13.19 6.37 4.25
C GLN A 399 -13.90 5.46 3.24
N GLY A 400 -15.05 5.92 2.73
CA GLY A 400 -15.80 5.10 1.81
C GLY A 400 -16.48 3.95 2.53
N LEU A 401 -16.51 2.79 1.89
CA LEU A 401 -17.00 1.59 2.57
C LEU A 401 -16.18 1.36 3.83
N PRO A 402 -16.80 1.28 5.00
CA PRO A 402 -16.03 1.00 6.21
C PRO A 402 -15.17 -0.24 6.02
N ALA A 403 -13.93 -0.17 6.50
CA ALA A 403 -12.95 -1.23 6.32
C ALA A 403 -11.94 -1.15 7.47
N ARG A 404 -10.99 -2.07 7.47
CA ARG A 404 -10.01 -2.12 8.56
C ARG A 404 -8.71 -2.76 8.08
N ILE A 405 -7.59 -2.13 8.42
CA ILE A 405 -6.28 -2.74 8.25
C ILE A 405 -5.97 -3.58 9.49
N GLY A 406 -5.56 -4.83 9.28
CA GLY A 406 -5.22 -5.70 10.41
C GLY A 406 -4.15 -6.73 10.12
N TRP A 407 -2.88 -6.33 10.20
CA TRP A 407 -1.77 -7.26 9.97
C TRP A 407 -1.95 -8.53 10.79
N LEU A 408 -1.88 -9.67 10.10
CA LEU A 408 -1.93 -11.00 10.74
C LEU A 408 -1.00 -11.94 9.99
N GLY A 409 -0.60 -13.02 10.68
CA GLY A 409 0.36 -13.96 10.16
C GLY A 409 -0.27 -15.27 9.71
N HIS A 410 0.61 -16.21 9.37
CA HIS A 410 0.16 -17.49 8.79
C HIS A 410 -0.75 -18.23 9.77
N GLY A 411 -1.86 -18.74 9.25
CA GLY A 411 -2.82 -19.43 10.09
C GLY A 411 -3.79 -18.51 10.80
N GLU A 412 -3.34 -17.31 11.15
CA GLU A 412 -4.21 -16.34 11.79
C GLU A 412 -5.18 -15.68 10.81
N ARG A 413 -4.77 -15.51 9.55
CA ARG A 413 -5.67 -14.91 8.58
C ARG A 413 -6.86 -15.82 8.30
N SER A 414 -6.59 -17.11 8.07
CA SER A 414 -7.68 -18.04 7.80
C SER A 414 -8.57 -18.20 9.02
N LYS A 415 -8.00 -18.07 10.22
CA LYS A 415 -8.80 -18.24 11.45
C LYS A 415 -9.79 -17.10 11.64
N LEU A 416 -9.33 -15.85 11.50
CA LEU A 416 -10.26 -14.73 11.59
C LEU A 416 -11.29 -14.78 10.46
N ALA A 417 -10.84 -15.13 9.25
CA ALA A 417 -11.76 -15.14 8.11
C ALA A 417 -12.89 -16.14 8.27
N LEU A 418 -12.62 -17.28 8.93
CA LEU A 418 -13.68 -18.26 9.13
C LEU A 418 -14.66 -17.79 10.19
N LEU A 419 -14.16 -17.12 11.24
CA LEU A 419 -15.06 -16.58 12.26
C LEU A 419 -15.98 -15.50 11.69
N VAL A 420 -15.47 -14.70 10.74
CA VAL A 420 -16.29 -13.67 10.12
C VAL A 420 -17.30 -14.29 9.17
N ASN A 421 -16.90 -15.33 8.44
CA ASN A 421 -17.83 -16.04 7.57
C ASN A 421 -18.97 -16.65 8.36
N GLU A 422 -18.69 -17.16 9.57
CA GLU A 422 -19.78 -17.66 10.41
C GLU A 422 -20.66 -16.52 10.92
N ALA A 423 -20.04 -15.41 11.36
CA ALA A 423 -20.81 -14.27 11.83
C ALA A 423 -21.73 -13.72 10.74
N VAL A 424 -21.29 -13.76 9.49
CA VAL A 424 -22.17 -13.43 8.38
C VAL A 424 -23.29 -14.45 8.28
N ALA A 425 -22.94 -15.74 8.39
CA ALA A 425 -23.92 -16.80 8.21
C ALA A 425 -25.03 -16.75 9.25
N ASP A 426 -24.84 -16.05 10.36
CA ASP A 426 -25.82 -16.07 11.45
C ASP A 426 -26.29 -14.68 11.88
N GLY A 427 -26.03 -13.64 11.10
CA GLY A 427 -26.72 -12.38 11.25
C GLY A 427 -25.99 -11.30 12.02
N ARG A 428 -24.89 -11.63 12.71
CA ARG A 428 -24.14 -10.60 13.43
C ARG A 428 -23.52 -9.59 12.45
N ILE A 429 -23.26 -10.02 11.22
CA ILE A 429 -22.78 -9.16 10.15
C ILE A 429 -23.83 -9.17 9.05
N SER A 430 -24.16 -8.00 8.53
CA SER A 430 -25.34 -7.85 7.68
C SER A 430 -25.11 -8.26 6.23
N ALA A 431 -23.85 -8.42 5.80
CA ALA A 431 -23.57 -8.70 4.40
C ALA A 431 -22.16 -9.26 4.25
N PRO A 432 -21.75 -9.65 3.03
CA PRO A 432 -20.45 -10.30 2.87
C PRO A 432 -19.29 -9.39 3.28
N ILE A 433 -18.19 -10.02 3.68
CA ILE A 433 -16.95 -9.33 4.00
C ILE A 433 -15.91 -9.73 2.96
N ALA A 434 -15.26 -8.73 2.36
CA ALA A 434 -14.20 -8.96 1.39
C ALA A 434 -12.85 -8.91 2.11
N PHE A 435 -12.12 -10.01 2.06
CA PHE A 435 -10.77 -10.08 2.63
C PHE A 435 -9.74 -9.93 1.52
N THR A 436 -8.78 -9.02 1.71
CA THR A 436 -7.70 -8.84 0.75
C THR A 436 -6.48 -8.34 1.51
N ARG A 437 -5.54 -7.73 0.79
CA ARG A 437 -4.30 -7.24 1.37
C ARG A 437 -3.65 -6.32 0.35
N ASP A 438 -2.62 -5.62 0.79
CA ASP A 438 -1.71 -5.00 -0.17
C ASP A 438 -0.96 -6.09 -0.93
N HIS A 439 -0.43 -5.72 -2.10
CA HIS A 439 0.43 -6.65 -2.83
C HIS A 439 1.77 -6.85 -2.11
N LEU A 440 2.21 -5.84 -1.36
CA LEU A 440 3.49 -5.88 -0.66
C LEU A 440 3.32 -6.74 0.58
N ASP A 441 3.25 -8.05 0.34
CA ASP A 441 3.13 -9.07 1.37
C ASP A 441 4.29 -10.05 1.21
N ALA A 442 4.48 -10.90 2.23
CA ALA A 442 5.66 -11.75 2.28
C ALA A 442 5.83 -12.57 1.01
N GLY A 443 4.77 -13.28 0.59
CA GLY A 443 4.91 -14.19 -0.52
C GLY A 443 4.32 -13.73 -1.85
N SER A 444 4.25 -12.42 -2.07
CA SER A 444 3.53 -11.93 -3.25
C SER A 444 4.23 -10.80 -3.99
N VAL A 445 5.48 -10.47 -3.67
CA VAL A 445 6.17 -9.40 -4.38
C VAL A 445 7.64 -9.73 -4.49
N ALA A 446 8.20 -9.45 -5.68
CA ALA A 446 9.64 -9.39 -5.87
C ALA A 446 9.98 -7.95 -6.20
N SER A 447 10.77 -7.30 -5.34
CA SER A 447 11.15 -5.90 -5.55
C SER A 447 12.53 -5.68 -4.98
N PRO A 448 13.57 -5.75 -5.83
CA PRO A 448 14.94 -5.57 -5.32
C PRO A 448 15.22 -4.19 -4.75
N TYR A 449 14.51 -3.14 -5.19
CA TYR A 449 14.72 -1.82 -4.62
C TYR A 449 14.08 -1.65 -3.24
N ALA A 450 13.16 -2.53 -2.88
CA ALA A 450 12.37 -2.34 -1.67
C ALA A 450 12.25 -3.65 -0.89
N GLU A 451 11.14 -4.37 -1.09
CA GLU A 451 10.79 -5.48 -0.21
C GLU A 451 11.80 -6.63 -0.24
N THR A 452 12.45 -6.90 -1.38
CA THR A 452 13.41 -8.00 -1.45
C THR A 452 14.84 -7.51 -1.65
N GLU A 453 15.13 -6.30 -1.18
CA GLU A 453 16.50 -5.82 -1.19
C GLU A 453 17.36 -6.65 -0.24
N LYS A 454 18.53 -7.07 -0.73
CA LYS A 454 19.55 -7.68 0.11
C LYS A 454 19.02 -8.92 0.82
N MET A 455 18.37 -9.80 0.06
CA MET A 455 17.97 -11.09 0.60
C MET A 455 19.22 -11.90 0.96
N GLN A 456 19.13 -12.66 2.06
CA GLN A 456 20.31 -13.31 2.61
C GLN A 456 21.05 -14.13 1.55
N ASP A 457 20.30 -14.79 0.66
CA ASP A 457 20.87 -15.66 -0.36
C ASP A 457 21.08 -14.95 -1.70
N GLY A 458 20.88 -13.64 -1.77
CA GLY A 458 21.09 -12.90 -3.01
C GLY A 458 19.96 -13.03 -4.02
N SER A 459 18.82 -13.59 -3.62
CA SER A 459 17.71 -13.88 -4.52
C SER A 459 16.79 -12.69 -4.74
N ASP A 460 17.30 -11.46 -4.55
CA ASP A 460 16.48 -10.25 -4.62
C ASP A 460 15.51 -10.24 -5.79
N ALA A 461 16.01 -10.55 -6.99
CA ALA A 461 15.25 -10.34 -8.22
C ALA A 461 14.46 -11.57 -8.66
N VAL A 462 14.43 -12.64 -7.87
CA VAL A 462 13.65 -13.82 -8.27
C VAL A 462 12.18 -13.48 -8.20
N SER A 463 11.50 -13.54 -9.35
CA SER A 463 10.08 -13.24 -9.41
C SER A 463 9.22 -14.49 -9.61
N ASP A 464 9.80 -15.68 -9.51
CA ASP A 464 8.99 -16.90 -9.46
C ASP A 464 7.93 -16.79 -8.39
N TRP A 465 8.26 -16.21 -7.23
CA TRP A 465 7.38 -16.33 -6.08
C TRP A 465 6.02 -15.68 -6.31
N PRO A 466 5.91 -14.42 -6.72
CA PRO A 466 4.57 -13.84 -6.91
C PRO A 466 3.75 -14.58 -7.96
N LEU A 467 4.38 -15.02 -9.05
CA LEU A 467 3.70 -15.85 -10.02
C LEU A 467 3.07 -17.09 -9.35
N LEU A 468 3.83 -17.76 -8.48
CA LEU A 468 3.26 -18.92 -7.76
C LEU A 468 2.12 -18.48 -6.86
N ASN A 469 2.26 -17.32 -6.22
CA ASN A 469 1.21 -16.83 -5.33
C ASN A 469 -0.10 -16.65 -6.09
N ALA A 470 -0.06 -15.98 -7.23
CA ALA A 470 -1.26 -15.85 -8.04
C ALA A 470 -1.83 -17.23 -8.38
N MET A 471 -1.00 -18.12 -8.95
CA MET A 471 -1.52 -19.41 -9.39
C MET A 471 -2.14 -20.20 -8.24
N LEU A 472 -1.57 -20.08 -7.05
CA LEU A 472 -2.19 -20.73 -5.90
C LEU A 472 -3.57 -20.13 -5.62
N ALA A 473 -3.67 -18.80 -5.65
CA ALA A 473 -4.95 -18.17 -5.36
C ALA A 473 -6.03 -18.62 -6.32
N CYS A 474 -5.70 -18.74 -7.62
CA CYS A 474 -6.65 -19.25 -8.58
C CYS A 474 -7.05 -20.68 -8.23
N SER A 475 -6.05 -21.54 -8.07
CA SER A 475 -6.28 -22.95 -7.79
C SER A 475 -7.08 -23.16 -6.51
N ASN A 476 -6.99 -22.21 -5.58
CA ASN A 476 -7.69 -22.32 -4.31
C ASN A 476 -9.08 -21.68 -4.32
N GLY A 477 -9.41 -20.91 -5.34
CA GLY A 477 -10.73 -20.35 -5.45
C GLY A 477 -10.93 -18.96 -4.89
N ALA A 478 -9.87 -18.14 -4.86
CA ALA A 478 -10.05 -16.75 -4.50
C ALA A 478 -11.09 -16.12 -5.41
N SER A 479 -11.74 -15.07 -4.92
CA SER A 479 -12.78 -14.43 -5.71
C SER A 479 -12.22 -13.60 -6.85
N LEU A 480 -11.03 -13.01 -6.67
CA LEU A 480 -10.40 -12.17 -7.67
C LEU A 480 -8.89 -12.32 -7.51
N VAL A 481 -8.18 -12.43 -8.62
CA VAL A 481 -6.73 -12.65 -8.60
C VAL A 481 -6.08 -11.73 -9.63
N ALA A 482 -4.98 -11.08 -9.25
CA ALA A 482 -4.34 -10.07 -10.08
C ALA A 482 -2.82 -10.22 -10.08
N LEU A 483 -2.21 -9.98 -11.25
CA LEU A 483 -0.75 -9.95 -11.37
C LEU A 483 -0.35 -8.62 -11.98
N HIS A 484 0.47 -7.86 -11.26
CA HIS A 484 0.94 -6.55 -11.70
C HIS A 484 2.45 -6.54 -11.83
N SER A 485 2.94 -5.49 -12.47
CA SER A 485 4.34 -5.15 -12.55
C SER A 485 4.45 -3.64 -12.39
N ASN A 486 5.57 -3.20 -11.84
CA ASN A 486 5.97 -1.79 -11.92
C ASN A 486 7.11 -1.72 -12.94
N GLY A 487 6.75 -1.56 -14.20
CA GLY A 487 7.71 -1.61 -15.27
C GLY A 487 8.63 -2.80 -15.14
N ASP A 488 9.94 -2.55 -15.08
CA ASP A 488 10.95 -3.60 -15.00
C ASP A 488 11.54 -3.77 -13.60
N LYS A 489 10.89 -3.19 -12.59
CA LYS A 489 11.45 -3.12 -11.24
C LYS A 489 10.80 -4.06 -10.25
N SER A 490 9.56 -4.49 -10.48
CA SER A 490 8.82 -5.23 -9.48
C SER A 490 7.70 -6.03 -10.13
N ALA A 491 7.39 -7.18 -9.52
CA ALA A 491 6.24 -7.98 -9.91
C ALA A 491 5.54 -8.44 -8.63
N SER A 492 4.21 -8.52 -8.70
CA SER A 492 3.49 -8.89 -7.48
C SER A 492 2.13 -9.46 -7.82
N ALA A 493 1.57 -10.14 -6.82
CA ALA A 493 0.26 -10.77 -6.91
C ALA A 493 -0.66 -10.19 -5.84
N GLY A 494 -1.94 -10.01 -6.21
CA GLY A 494 -2.98 -9.69 -5.25
C GLY A 494 -4.12 -10.69 -5.36
N GLN A 495 -4.99 -10.67 -4.35
CA GLN A 495 -6.12 -11.58 -4.39
C GLN A 495 -7.20 -11.11 -3.43
N THR A 496 -8.45 -11.41 -3.78
CA THR A 496 -9.59 -11.10 -2.94
C THR A 496 -10.38 -12.37 -2.73
N ALA A 497 -10.78 -12.61 -1.49
CA ALA A 497 -11.61 -13.74 -1.12
C ALA A 497 -12.76 -13.21 -0.29
N ILE A 498 -13.97 -13.65 -0.60
CA ILE A 498 -15.19 -13.06 -0.04
C ILE A 498 -15.77 -13.99 1.00
N ALA A 499 -16.00 -13.46 2.21
CA ALA A 499 -16.71 -14.18 3.26
C ALA A 499 -18.18 -13.79 3.18
N ASP A 500 -18.97 -14.61 2.51
CA ASP A 500 -20.39 -14.32 2.27
C ASP A 500 -21.32 -15.18 3.10
N GLY A 501 -20.79 -16.09 3.92
CA GLY A 501 -21.60 -16.95 4.77
C GLY A 501 -21.75 -18.37 4.27
N THR A 502 -21.40 -18.64 3.02
CA THR A 502 -21.64 -19.97 2.50
C THR A 502 -20.58 -20.97 2.98
N PRO A 503 -20.93 -22.26 3.05
CA PRO A 503 -19.88 -23.27 3.19
C PRO A 503 -18.85 -23.23 2.07
N MET A 504 -19.27 -22.84 0.86
CA MET A 504 -18.31 -22.69 -0.23
C MET A 504 -17.33 -21.56 0.07
N ALA A 505 -17.81 -20.47 0.65
CA ALA A 505 -16.90 -19.40 1.06
C ALA A 505 -15.92 -19.88 2.13
N ALA A 506 -16.42 -20.60 3.13
CA ALA A 506 -15.55 -21.08 4.21
C ALA A 506 -14.39 -21.89 3.65
N PHE A 507 -14.67 -22.76 2.67
CA PHE A 507 -13.61 -23.62 2.13
C PHE A 507 -12.58 -22.79 1.38
N LYS A 508 -13.03 -21.87 0.52
CA LYS A 508 -12.11 -21.03 -0.22
C LYS A 508 -11.27 -20.18 0.71
N LEU A 509 -11.89 -19.60 1.73
CA LEU A 509 -11.18 -18.70 2.64
C LEU A 509 -10.00 -19.39 3.31
N LYS A 510 -10.18 -20.65 3.72
CA LYS A 510 -9.09 -21.35 4.39
C LYS A 510 -8.08 -21.91 3.39
N SER A 511 -8.53 -22.31 2.21
CA SER A 511 -7.59 -22.75 1.19
C SER A 511 -6.72 -21.60 0.73
N VAL A 512 -7.35 -20.46 0.43
CA VAL A 512 -6.64 -19.31 -0.13
C VAL A 512 -5.67 -18.72 0.89
N LEU A 513 -6.18 -18.38 2.08
CA LEU A 513 -5.37 -17.58 3.00
C LEU A 513 -4.19 -18.37 3.54
N ASP A 514 -4.35 -19.67 3.80
CA ASP A 514 -3.25 -20.47 4.35
C ASP A 514 -2.12 -20.60 3.33
N ALA A 515 -2.45 -20.72 2.04
CA ALA A 515 -1.42 -20.79 1.01
C ALA A 515 -0.85 -19.41 0.69
N ASP A 516 -1.67 -18.37 0.78
CA ASP A 516 -1.22 -17.00 0.61
C ASP A 516 -0.06 -16.67 1.56
N THR A 517 -0.23 -16.95 2.85
CA THR A 517 0.86 -16.76 3.80
C THR A 517 1.84 -17.94 3.79
N GLY A 518 1.33 -19.15 3.53
CA GLY A 518 2.23 -20.30 3.52
C GLY A 518 3.32 -20.18 2.49
N ILE A 519 3.00 -19.63 1.31
CA ILE A 519 4.01 -19.45 0.27
C ILE A 519 4.95 -18.33 0.64
N GLY A 520 4.49 -17.38 1.47
CA GLY A 520 5.38 -16.35 1.98
C GLY A 520 6.40 -16.88 2.98
N VAL A 521 5.95 -17.74 3.90
CA VAL A 521 6.88 -18.40 4.81
C VAL A 521 7.93 -19.19 4.03
N ILE A 522 7.47 -19.96 3.05
CA ILE A 522 8.38 -20.76 2.23
C ILE A 522 9.41 -19.86 1.55
N ARG A 523 8.96 -18.75 0.96
CA ARG A 523 9.88 -17.89 0.23
C ARG A 523 11.01 -17.39 1.12
N TYR A 524 10.69 -17.01 2.36
CA TYR A 524 11.74 -16.51 3.25
C TYR A 524 12.55 -17.64 3.87
N ALA A 525 11.92 -18.77 4.14
CA ALA A 525 12.68 -19.94 4.57
C ALA A 525 13.70 -20.35 3.52
N ASP A 526 13.30 -20.31 2.25
CA ASP A 526 14.19 -20.65 1.13
C ASP A 526 15.43 -19.78 1.12
N ALA A 527 15.28 -18.51 1.45
CA ALA A 527 16.41 -17.59 1.47
C ALA A 527 17.28 -17.76 2.69
N GLY A 528 16.83 -18.50 3.69
CA GLY A 528 17.67 -18.84 4.82
C GLY A 528 17.24 -18.25 6.15
N TYR A 529 16.16 -17.46 6.22
CA TYR A 529 15.78 -16.81 7.49
C TYR A 529 15.30 -17.87 8.49
N GLU A 530 15.94 -17.92 9.66
CA GLU A 530 15.76 -19.03 10.57
C GLU A 530 14.36 -19.07 11.17
N VAL A 531 13.80 -17.90 11.49
CA VAL A 531 12.42 -17.88 12.00
C VAL A 531 11.46 -18.44 10.96
N ALA A 532 11.68 -18.08 9.67
CA ALA A 532 10.84 -18.62 8.62
C ALA A 532 11.04 -20.12 8.44
N ARG A 533 12.29 -20.60 8.59
CA ARG A 533 12.55 -22.04 8.46
C ARG A 533 11.87 -22.83 9.57
N GLU A 534 11.82 -22.27 10.77
CA GLU A 534 11.12 -22.93 11.85
C GLU A 534 9.61 -22.91 11.60
N THR A 535 9.06 -21.73 11.22
CA THR A 535 7.65 -21.66 10.88
C THR A 535 7.28 -22.69 9.80
N ARG A 536 8.13 -22.83 8.77
CA ARG A 536 7.85 -23.79 7.71
C ARG A 536 7.85 -25.23 8.26
N ALA A 537 8.85 -25.57 9.07
CA ALA A 537 8.89 -26.90 9.67
C ALA A 537 7.67 -27.18 10.53
N LEU A 538 7.24 -26.18 11.31
CA LEU A 538 6.14 -26.40 12.25
C LEU A 538 4.83 -26.70 11.54
N HIS A 539 4.53 -25.97 10.45
CA HIS A 539 3.25 -26.11 9.78
C HIS A 539 3.27 -27.11 8.64
N GLY A 540 4.32 -27.92 8.52
CA GLY A 540 4.39 -28.89 7.44
C GLY A 540 4.47 -28.29 6.05
N LEU A 541 5.04 -27.10 5.93
CA LEU A 541 5.04 -26.35 4.69
C LEU A 541 6.15 -26.74 3.72
N GLY A 542 7.02 -27.69 4.09
CA GLY A 542 8.22 -27.94 3.34
C GLY A 542 8.19 -29.22 2.50
N ILE A 543 9.35 -29.53 1.92
CA ILE A 543 9.62 -30.78 1.23
C ILE A 543 11.04 -31.21 1.54
N GLU A 544 11.22 -32.49 1.83
CA GLU A 544 12.53 -33.04 2.10
C GLU A 544 13.36 -33.14 0.82
N ILE A 545 14.48 -32.42 0.78
CA ILE A 545 15.42 -32.48 -0.34
C ILE A 545 16.77 -32.98 0.17
N GLY A 546 17.28 -34.02 -0.46
CA GLY A 546 18.53 -34.63 -0.05
C GLY A 546 19.74 -33.77 -0.34
N GLY A 547 20.91 -34.30 0.03
CA GLY A 547 22.16 -33.57 -0.14
C GLY A 547 22.20 -32.28 0.64
N GLY A 548 21.18 -32.02 1.45
CA GLY A 548 21.10 -30.81 2.23
C GLY A 548 21.66 -30.99 3.63
#